data_4GE6
#
_entry.id   4GE6
#
_cell.length_a   40.137
_cell.length_b   57.774
_cell.length_c   66.702
_cell.angle_alpha   77.22
_cell.angle_beta   78.03
_cell.angle_gamma   80.01
#
_symmetry.space_group_name_H-M   'P 1'
#
loop_
_entity.id
_entity.type
_entity.pdbx_description
1 polymer 'Tyrosine-protein phosphatase non-receptor type 9'
2 non-polymer N-(4-bromo-3-methylbenzoyl)-4-[difluoro(phosphono)methyl]-L-phenylalanyl-N~5~-(3-iodobenzoyl)-L-ornithyl-3-{[(4-hydroxy-3-methoxyphenyl)acetyl]amino}-D-alaninamide
3 water water
#
_entity_poly.entity_id   1
_entity_poly.type   'polypeptide(L)'
_entity_poly.pdbx_seq_one_letter_code
;MSVHVPGPHAMTIQELVDYVNARQKQGIYEEYEDIRRENPVGTFHCSMSPGNLEKNRYGDVPCLDQTRVKLTKRSGHTQT
DYINASFMDGYKQKNAYIGTQGPLENTYRDFWLMVWEQKVLVIVMTTRFEEGGRRKCGQYWPLEKDSRIRFGFLTVTNLG
VENMNHYKKTTLEIHNTEERQKRQVTHFQFLSWPDYGVPSSAASLIDFLRVVRNQQSLAVSNMGARSKGQCPEPPIVVHC
SAGIGRTGTFCSLDICLAQLEELGTLNVFQTVSRMRTQRAFSIQTPEQYYFCYKAILEFAEKEGMVSAHHHHHH
;
_entity_poly.pdbx_strand_id   A,B
#
# COMPACT_ATOMS: atom_id res chain seq x y z
N SER A 2 -12.40 -14.03 -28.31
CA SER A 2 -11.41 -13.38 -27.39
C SER A 2 -9.98 -13.79 -27.69
N VAL A 3 -9.05 -12.87 -27.51
CA VAL A 3 -7.65 -13.18 -27.74
C VAL A 3 -7.11 -13.99 -26.55
N HIS A 4 -7.81 -13.92 -25.42
CA HIS A 4 -7.38 -14.65 -24.23
C HIS A 4 -8.04 -16.01 -24.14
N VAL A 5 -7.39 -16.99 -24.77
CA VAL A 5 -7.86 -18.37 -24.76
C VAL A 5 -6.80 -19.16 -24.00
N PRO A 6 -7.18 -20.30 -23.41
CA PRO A 6 -6.21 -21.10 -22.65
C PRO A 6 -5.12 -21.66 -23.56
N GLY A 7 -3.89 -21.23 -23.31
CA GLY A 7 -2.76 -21.69 -24.11
C GLY A 7 -2.74 -21.00 -25.45
N PRO A 8 -1.93 -21.49 -26.41
CA PRO A 8 -1.05 -22.66 -26.28
C PRO A 8 0.05 -22.51 -25.22
N HIS A 9 0.52 -23.64 -24.70
CA HIS A 9 1.59 -23.69 -23.71
C HIS A 9 1.37 -22.98 -22.39
N ALA A 10 0.24 -23.24 -21.73
CA ALA A 10 -0.04 -22.63 -20.43
C ALA A 10 0.78 -23.39 -19.38
N MET A 11 1.04 -22.75 -18.25
CA MET A 11 1.82 -23.38 -17.19
C MET A 11 1.03 -23.67 -15.93
N THR A 12 1.45 -24.70 -15.20
CA THR A 12 0.82 -25.05 -13.94
C THR A 12 1.59 -24.27 -12.87
N ILE A 13 1.09 -24.28 -11.64
CA ILE A 13 1.76 -23.55 -10.58
C ILE A 13 3.17 -24.09 -10.36
N GLN A 14 3.32 -25.41 -10.40
CA GLN A 14 4.63 -26.03 -10.23
C GLN A 14 5.58 -25.53 -11.29
N GLU A 15 5.09 -25.45 -12.52
CA GLU A 15 5.89 -24.99 -13.65
C GLU A 15 6.21 -23.51 -13.56
N LEU A 16 5.28 -22.72 -13.02
CA LEU A 16 5.49 -21.28 -12.88
C LEU A 16 6.59 -21.04 -11.85
N VAL A 17 6.56 -21.82 -10.77
CA VAL A 17 7.57 -21.68 -9.72
C VAL A 17 8.97 -21.88 -10.28
N ASP A 18 9.15 -22.95 -11.06
CA ASP A 18 10.47 -23.23 -11.64
C ASP A 18 10.84 -22.18 -12.67
N TYR A 19 9.82 -21.69 -13.38
CA TYR A 19 10.01 -20.67 -14.41
C TYR A 19 10.59 -19.40 -13.82
N VAL A 20 9.98 -18.92 -12.75
CA VAL A 20 10.43 -17.70 -12.09
C VAL A 20 11.77 -17.91 -11.38
N ASN A 21 11.97 -19.09 -10.82
CA ASN A 21 13.22 -19.40 -10.11
C ASN A 21 14.40 -19.43 -11.08
N ALA A 22 14.17 -19.94 -12.28
CA ALA A 22 15.21 -20.04 -13.29
C ALA A 22 15.65 -18.66 -13.79
N ARG A 23 14.72 -17.71 -13.79
CA ARG A 23 15.01 -16.37 -14.29
C ARG A 23 15.32 -15.33 -13.21
N GLN A 24 14.73 -15.49 -12.04
CA GLN A 24 14.92 -14.56 -10.94
C GLN A 24 14.28 -13.22 -11.29
N LYS A 25 14.38 -12.25 -10.40
CA LYS A 25 13.80 -10.94 -10.63
C LYS A 25 14.39 -10.24 -11.86
N GLN A 26 15.70 -10.34 -12.04
CA GLN A 26 16.35 -9.70 -13.18
C GLN A 26 15.94 -10.35 -14.50
N GLY A 27 15.73 -11.67 -14.48
CA GLY A 27 15.32 -12.38 -15.68
C GLY A 27 13.91 -11.98 -16.08
N ILE A 28 13.05 -11.74 -15.09
CA ILE A 28 11.68 -11.34 -15.38
C ILE A 28 11.70 -9.91 -15.92
N TYR A 29 12.56 -9.07 -15.37
CA TYR A 29 12.71 -7.69 -15.81
C TYR A 29 13.14 -7.66 -17.28
N GLU A 30 14.07 -8.54 -17.64
CA GLU A 30 14.56 -8.61 -19.01
C GLU A 30 13.45 -9.08 -19.95
N GLU A 31 12.57 -9.93 -19.43
CA GLU A 31 11.47 -10.44 -20.23
C GLU A 31 10.52 -9.29 -20.55
N TYR A 32 10.30 -8.40 -19.58
CA TYR A 32 9.43 -7.26 -19.80
C TYR A 32 10.03 -6.38 -20.90
N GLU A 33 11.34 -6.19 -20.84
CA GLU A 33 12.02 -5.36 -21.84
C GLU A 33 11.83 -5.93 -23.25
N ASP A 34 11.80 -7.25 -23.37
CA ASP A 34 11.61 -7.87 -24.67
C ASP A 34 10.20 -7.54 -25.17
N ILE A 35 9.22 -7.60 -24.26
CA ILE A 35 7.85 -7.28 -24.63
C ILE A 35 7.81 -5.81 -25.05
N ARG A 36 8.46 -4.99 -24.24
CA ARG A 36 8.56 -3.54 -24.42
C ARG A 36 9.13 -3.18 -25.80
N ARG A 37 10.15 -3.92 -26.22
CA ARG A 37 10.81 -3.69 -27.50
C ARG A 37 9.98 -4.01 -28.74
N GLU A 38 9.05 -4.96 -28.61
CA GLU A 38 8.21 -5.34 -29.73
C GLU A 38 7.52 -4.13 -30.35
N ASN A 39 7.40 -4.13 -31.67
CA ASN A 39 6.74 -3.04 -32.37
C ASN A 39 5.24 -3.18 -32.13
N PRO A 40 4.58 -2.09 -31.71
CA PRO A 40 3.13 -2.15 -31.45
C PRO A 40 2.36 -2.70 -32.66
N VAL A 41 1.30 -3.44 -32.38
CA VAL A 41 0.48 -3.99 -33.45
C VAL A 41 -0.74 -3.10 -33.64
N GLY A 42 -0.67 -2.24 -34.66
CA GLY A 42 -1.76 -1.32 -34.93
C GLY A 42 -1.26 0.10 -35.13
N THR A 43 -2.18 1.04 -35.28
CA THR A 43 -1.82 2.43 -35.49
C THR A 43 -2.52 3.34 -34.48
N PHE A 44 -2.05 4.58 -34.39
CA PHE A 44 -2.58 5.57 -33.45
C PHE A 44 -2.98 6.88 -34.11
N HIS A 45 -3.36 6.83 -35.38
CA HIS A 45 -3.73 8.04 -36.11
C HIS A 45 -4.85 8.87 -35.52
N CYS A 46 -5.93 8.22 -35.10
CA CYS A 46 -7.06 8.94 -34.54
C CYS A 46 -6.70 9.67 -33.25
N SER A 47 -6.05 8.97 -32.33
CA SER A 47 -5.67 9.55 -31.05
C SER A 47 -4.73 10.75 -31.20
N MET A 48 -3.91 10.72 -32.24
CA MET A 48 -2.97 11.82 -32.47
C MET A 48 -3.45 12.82 -33.53
N SER A 49 -4.64 12.57 -34.09
CA SER A 49 -5.18 13.45 -35.11
C SER A 49 -5.53 14.81 -34.53
N PRO A 50 -5.46 15.87 -35.35
CA PRO A 50 -5.77 17.22 -34.88
C PRO A 50 -7.21 17.28 -34.36
N GLY A 51 -7.38 17.76 -33.13
CA GLY A 51 -8.71 17.85 -32.56
C GLY A 51 -8.92 16.90 -31.39
N ASN A 52 -8.22 15.77 -31.41
CA ASN A 52 -8.35 14.78 -30.34
C ASN A 52 -7.15 14.85 -29.40
N LEU A 53 -6.13 15.59 -29.82
CA LEU A 53 -4.91 15.71 -29.03
C LEU A 53 -5.19 16.20 -27.61
N GLU A 54 -6.02 17.23 -27.47
CA GLU A 54 -6.34 17.78 -26.17
C GLU A 54 -7.23 16.87 -25.33
N LYS A 55 -7.64 15.74 -25.89
CA LYS A 55 -8.49 14.80 -25.16
C LYS A 55 -7.64 13.69 -24.54
N ASN A 56 -6.33 13.75 -24.79
CA ASN A 56 -5.39 12.76 -24.23
C ASN A 56 -4.70 13.38 -23.02
N ARG A 57 -4.65 12.65 -21.91
CA ARG A 57 -4.00 13.15 -20.71
C ARG A 57 -2.49 13.21 -20.93
N TYR A 58 -1.98 12.26 -21.70
CA TYR A 58 -0.55 12.17 -21.99
C TYR A 58 -0.34 12.01 -23.50
N GLY A 59 0.49 12.89 -24.07
CA GLY A 59 0.74 12.81 -25.50
C GLY A 59 1.47 11.55 -25.91
N ASP A 60 2.19 10.94 -24.97
CA ASP A 60 2.94 9.73 -25.26
C ASP A 60 2.15 8.46 -24.98
N VAL A 61 0.84 8.62 -24.71
CA VAL A 61 0.01 7.46 -24.46
C VAL A 61 -1.29 7.53 -25.26
N PRO A 62 -1.18 7.40 -26.58
CA PRO A 62 -2.38 7.44 -27.43
C PRO A 62 -3.00 6.05 -27.37
N CYS A 63 -4.18 5.88 -27.96
CA CYS A 63 -4.80 4.56 -27.97
C CYS A 63 -4.87 4.02 -29.40
N LEU A 64 -4.94 2.70 -29.53
CA LEU A 64 -5.00 2.05 -30.84
C LEU A 64 -6.28 2.37 -31.61
N ASP A 65 -6.14 2.59 -32.90
CA ASP A 65 -7.27 2.89 -33.76
C ASP A 65 -8.22 1.69 -33.82
N GLN A 66 -7.64 0.50 -33.90
CA GLN A 66 -8.39 -0.75 -34.04
C GLN A 66 -9.29 -1.19 -32.90
N THR A 67 -9.04 -0.70 -31.69
CA THR A 67 -9.82 -1.12 -30.54
C THR A 67 -10.43 0.01 -29.72
N ARG A 68 -10.30 1.25 -30.20
CA ARG A 68 -10.83 2.38 -29.46
C ARG A 68 -12.35 2.37 -29.33
N VAL A 69 -12.84 2.91 -28.24
CA VAL A 69 -14.27 2.99 -28.00
C VAL A 69 -14.75 4.27 -28.69
N LYS A 70 -15.67 4.12 -29.64
CA LYS A 70 -16.18 5.28 -30.36
C LYS A 70 -17.47 5.78 -29.75
N LEU A 71 -17.59 7.10 -29.63
CA LEU A 71 -18.78 7.71 -29.07
C LEU A 71 -19.74 7.98 -30.22
N THR A 72 -21.02 7.72 -30.00
CA THR A 72 -22.02 7.95 -31.03
C THR A 72 -22.62 9.34 -30.80
N LYS A 73 -21.75 10.34 -30.81
CA LYS A 73 -22.13 11.73 -30.62
C LYS A 73 -23.02 12.21 -31.77
N ARG A 74 -22.88 13.47 -32.14
CA ARG A 74 -23.66 14.02 -33.24
C ARG A 74 -22.94 15.17 -33.94
N SER A 75 -23.57 15.68 -34.99
CA SER A 75 -23.00 16.79 -35.77
C SER A 75 -23.55 18.13 -35.28
N GLY A 76 -22.86 19.20 -35.64
CA GLY A 76 -23.30 20.53 -35.26
C GLY A 76 -22.88 20.92 -33.86
N HIS A 77 -23.17 20.06 -32.88
CA HIS A 77 -22.82 20.32 -31.49
C HIS A 77 -21.33 20.61 -31.32
N THR A 78 -20.57 20.42 -32.38
CA THR A 78 -19.13 20.65 -32.39
C THR A 78 -18.33 19.76 -31.45
N GLN A 79 -18.00 18.57 -31.91
CA GLN A 79 -17.21 17.61 -31.13
C GLN A 79 -16.82 16.43 -32.01
N THR A 80 -16.15 15.44 -31.42
CA THR A 80 -15.74 14.26 -32.15
C THR A 80 -16.27 12.99 -31.47
N ASP A 81 -15.94 11.84 -32.03
CA ASP A 81 -16.38 10.57 -31.48
C ASP A 81 -15.25 9.94 -30.68
N TYR A 82 -14.25 10.75 -30.34
CA TYR A 82 -13.08 10.25 -29.65
C TYR A 82 -12.98 10.36 -28.13
N ILE A 83 -12.44 9.31 -27.55
CA ILE A 83 -12.16 9.23 -26.12
C ILE A 83 -10.98 8.26 -26.03
N ASN A 84 -10.03 8.54 -25.14
CA ASN A 84 -8.89 7.65 -25.00
C ASN A 84 -9.32 6.48 -24.12
N ALA A 85 -9.88 5.46 -24.77
CA ALA A 85 -10.37 4.26 -24.10
C ALA A 85 -10.33 3.13 -25.12
N SER A 86 -10.02 1.93 -24.65
CA SER A 86 -9.90 0.77 -25.52
C SER A 86 -10.67 -0.44 -25.02
N PHE A 87 -11.32 -1.15 -25.94
CA PHE A 87 -12.04 -2.37 -25.59
C PHE A 87 -10.95 -3.41 -25.34
N MET A 88 -11.11 -4.18 -24.27
CA MET A 88 -10.14 -5.21 -23.93
C MET A 88 -10.87 -6.52 -23.63
N ASP A 89 -10.38 -7.61 -24.22
CA ASP A 89 -10.99 -8.91 -23.96
C ASP A 89 -10.55 -9.43 -22.60
N GLY A 90 -11.33 -10.36 -22.07
CA GLY A 90 -11.03 -11.01 -20.80
C GLY A 90 -10.88 -12.49 -21.10
N TYR A 91 -10.71 -13.30 -20.06
CA TYR A 91 -10.56 -14.73 -20.27
C TYR A 91 -11.80 -15.31 -20.95
N LYS A 92 -11.60 -15.82 -22.17
CA LYS A 92 -12.68 -16.38 -23.00
C LYS A 92 -13.93 -15.51 -22.98
N GLN A 93 -13.72 -14.20 -23.04
CA GLN A 93 -14.82 -13.24 -23.02
C GLN A 93 -14.44 -11.99 -23.82
N LYS A 94 -15.20 -11.68 -24.85
CA LYS A 94 -14.93 -10.51 -25.67
C LYS A 94 -15.36 -9.22 -24.96
N ASN A 95 -14.56 -8.18 -25.10
CA ASN A 95 -14.84 -6.89 -24.49
C ASN A 95 -15.24 -6.93 -23.01
N ALA A 96 -14.46 -7.66 -22.22
CA ALA A 96 -14.74 -7.76 -20.79
C ALA A 96 -14.43 -6.43 -20.09
N TYR A 97 -13.52 -5.64 -20.65
CA TYR A 97 -13.16 -4.37 -20.03
C TYR A 97 -12.99 -3.26 -21.03
N ILE A 98 -12.99 -2.04 -20.50
CA ILE A 98 -12.68 -0.85 -21.28
C ILE A 98 -11.59 -0.20 -20.42
N GLY A 99 -10.37 -0.17 -20.95
CA GLY A 99 -9.27 0.43 -20.23
C GLY A 99 -9.19 1.88 -20.68
N THR A 100 -9.13 2.80 -19.73
CA THR A 100 -9.11 4.20 -20.09
C THR A 100 -8.29 5.06 -19.13
N GLN A 101 -7.95 6.26 -19.57
CA GLN A 101 -7.17 7.19 -18.76
C GLN A 101 -8.06 7.85 -17.70
N GLY A 102 -7.43 8.52 -16.74
CA GLY A 102 -8.20 9.21 -15.73
C GLY A 102 -8.84 10.39 -16.45
N PRO A 103 -10.17 10.55 -16.37
CA PRO A 103 -10.86 11.64 -17.03
C PRO A 103 -10.32 13.04 -16.73
N LEU A 104 -10.32 13.88 -17.77
CA LEU A 104 -9.88 15.27 -17.69
C LEU A 104 -11.16 16.10 -17.67
N GLU A 105 -11.08 17.31 -17.13
CA GLU A 105 -12.27 18.16 -17.06
C GLU A 105 -12.95 18.32 -18.41
N ASN A 106 -12.17 18.38 -19.49
CA ASN A 106 -12.75 18.52 -20.82
C ASN A 106 -13.24 17.20 -21.42
N THR A 107 -13.10 16.11 -20.68
CA THR A 107 -13.56 14.81 -21.15
C THR A 107 -14.55 14.14 -20.20
N TYR A 108 -14.93 14.81 -19.11
CA TYR A 108 -15.88 14.23 -18.16
C TYR A 108 -17.15 13.81 -18.87
N ARG A 109 -17.69 14.70 -19.71
CA ARG A 109 -18.91 14.40 -20.43
C ARG A 109 -18.71 13.22 -21.37
N ASP A 110 -17.55 13.15 -22.02
CA ASP A 110 -17.26 12.05 -22.93
C ASP A 110 -17.25 10.74 -22.14
N PHE A 111 -16.61 10.77 -20.98
CA PHE A 111 -16.54 9.59 -20.11
C PHE A 111 -17.92 9.06 -19.78
N TRP A 112 -18.81 9.92 -19.28
CA TRP A 112 -20.14 9.47 -18.92
C TRP A 112 -20.97 9.06 -20.15
N LEU A 113 -20.73 9.69 -21.29
CA LEU A 113 -21.44 9.32 -22.50
C LEU A 113 -21.06 7.87 -22.83
N MET A 114 -19.78 7.55 -22.68
CA MET A 114 -19.28 6.20 -22.95
C MET A 114 -19.91 5.21 -21.98
N VAL A 115 -19.95 5.57 -20.70
CA VAL A 115 -20.54 4.70 -19.70
C VAL A 115 -21.99 4.40 -20.07
N TRP A 116 -22.71 5.43 -20.50
CA TRP A 116 -24.11 5.23 -20.88
C TRP A 116 -24.27 4.39 -22.14
N GLU A 117 -23.56 4.77 -23.19
CA GLU A 117 -23.64 4.07 -24.46
C GLU A 117 -23.22 2.60 -24.39
N GLN A 118 -22.19 2.32 -23.60
CA GLN A 118 -21.69 0.96 -23.46
C GLN A 118 -22.42 0.16 -22.39
N LYS A 119 -23.43 0.75 -21.78
CA LYS A 119 -24.23 0.11 -20.75
C LYS A 119 -23.41 -0.43 -19.57
N VAL A 120 -22.36 0.30 -19.25
CA VAL A 120 -21.46 -0.06 -18.15
C VAL A 120 -22.19 -0.06 -16.79
N LEU A 121 -21.88 -1.06 -15.97
CA LEU A 121 -22.49 -1.20 -14.66
C LEU A 121 -21.49 -1.01 -13.53
N VAL A 122 -20.20 -1.22 -13.81
CA VAL A 122 -19.17 -1.10 -12.79
C VAL A 122 -17.95 -0.34 -13.30
N ILE A 123 -17.45 0.59 -12.48
CA ILE A 123 -16.26 1.37 -12.80
C ILE A 123 -15.23 1.09 -11.72
N VAL A 124 -14.00 0.84 -12.16
CA VAL A 124 -12.91 0.56 -11.24
C VAL A 124 -11.84 1.63 -11.38
N MET A 125 -11.58 2.32 -10.28
CA MET A 125 -10.58 3.37 -10.23
C MET A 125 -9.42 2.87 -9.38
N THR A 126 -8.20 2.94 -9.91
CA THR A 126 -7.05 2.45 -9.18
C THR A 126 -6.06 3.50 -8.67
N THR A 127 -6.46 4.77 -8.66
CA THR A 127 -5.60 5.86 -8.19
C THR A 127 -6.40 6.89 -7.40
N ARG A 128 -5.69 7.88 -6.86
CA ARG A 128 -6.33 8.99 -6.15
C ARG A 128 -6.31 10.07 -7.22
N PHE A 129 -6.86 11.24 -6.93
CA PHE A 129 -6.86 12.31 -7.92
C PHE A 129 -5.44 12.78 -8.18
N GLU A 130 -4.62 12.73 -7.14
CA GLU A 130 -3.23 13.16 -7.24
C GLU A 130 -2.38 12.28 -6.33
N GLU A 131 -1.14 12.03 -6.74
CA GLU A 131 -0.23 11.21 -5.96
C GLU A 131 1.18 11.77 -6.13
N GLY A 132 1.77 12.20 -5.03
CA GLY A 132 3.11 12.75 -5.09
C GLY A 132 3.18 14.04 -5.89
N GLY A 133 2.07 14.76 -5.93
CA GLY A 133 2.02 16.01 -6.66
C GLY A 133 1.70 15.82 -8.13
N ARG A 134 1.60 14.56 -8.55
CA ARG A 134 1.27 14.24 -9.95
C ARG A 134 -0.23 14.03 -10.09
N ARG A 135 -0.87 14.84 -10.93
CA ARG A 135 -2.31 14.68 -11.16
C ARG A 135 -2.52 13.38 -11.92
N LYS A 136 -3.53 12.61 -11.52
CA LYS A 136 -3.81 11.35 -12.19
C LYS A 136 -5.26 11.15 -12.60
N CYS A 137 -6.15 11.95 -12.03
CA CYS A 137 -7.57 11.82 -12.36
C CYS A 137 -8.36 13.04 -11.88
N GLY A 138 -9.34 13.46 -12.67
CA GLY A 138 -10.16 14.60 -12.28
C GLY A 138 -11.34 14.10 -11.48
N GLN A 139 -11.99 15.00 -10.73
CA GLN A 139 -13.14 14.60 -9.93
C GLN A 139 -14.36 14.55 -10.86
N TYR A 140 -14.53 13.42 -11.53
CA TYR A 140 -15.63 13.26 -12.48
C TYR A 140 -16.96 12.77 -11.92
N TRP A 141 -17.04 12.54 -10.62
CA TRP A 141 -18.28 12.06 -10.03
C TRP A 141 -18.58 12.76 -8.70
N PRO A 142 -19.86 12.86 -8.32
CA PRO A 142 -20.23 13.51 -7.06
C PRO A 142 -19.74 12.65 -5.89
N LEU A 143 -18.87 13.23 -5.07
CA LEU A 143 -18.26 12.51 -3.95
C LEU A 143 -19.13 12.11 -2.77
N GLU A 144 -20.00 13.01 -2.31
CA GLU A 144 -20.84 12.72 -1.16
C GLU A 144 -22.28 12.36 -1.51
N LYS A 145 -22.92 11.60 -0.62
CA LYS A 145 -24.29 11.18 -0.83
C LYS A 145 -25.20 12.39 -1.08
N ASP A 146 -26.13 12.22 -2.03
CA ASP A 146 -27.09 13.25 -2.42
C ASP A 146 -26.52 14.34 -3.32
N SER A 147 -25.20 14.35 -3.50
CA SER A 147 -24.58 15.34 -4.36
C SER A 147 -24.81 14.90 -5.81
N ARG A 148 -24.87 15.86 -6.72
CA ARG A 148 -25.08 15.53 -8.12
C ARG A 148 -24.36 16.47 -9.07
N ILE A 149 -24.03 15.96 -10.25
CA ILE A 149 -23.34 16.75 -11.26
C ILE A 149 -24.07 16.56 -12.58
N ARG A 150 -24.30 17.67 -13.27
CA ARG A 150 -24.97 17.62 -14.56
C ARG A 150 -23.96 17.75 -15.68
N PHE A 151 -24.01 16.81 -16.61
CA PHE A 151 -23.14 16.78 -17.77
C PHE A 151 -24.05 16.85 -18.99
N GLY A 152 -24.67 18.00 -19.19
CA GLY A 152 -25.57 18.15 -20.32
C GLY A 152 -26.85 17.38 -20.09
N PHE A 153 -27.11 16.38 -20.92
CA PHE A 153 -28.32 15.59 -20.79
C PHE A 153 -28.14 14.38 -19.87
N LEU A 154 -26.97 14.30 -19.24
CA LEU A 154 -26.68 13.23 -18.29
C LEU A 154 -26.47 13.82 -16.90
N THR A 155 -27.19 13.30 -15.91
CA THR A 155 -27.07 13.76 -14.53
C THR A 155 -26.60 12.57 -13.70
N VAL A 156 -25.55 12.77 -12.92
CA VAL A 156 -25.01 11.71 -12.08
C VAL A 156 -25.21 12.09 -10.61
N THR A 157 -25.88 11.22 -9.86
CA THR A 157 -26.16 11.46 -8.45
C THR A 157 -25.57 10.38 -7.57
N ASN A 158 -25.03 10.78 -6.42
CA ASN A 158 -24.42 9.86 -5.46
C ASN A 158 -25.51 9.32 -4.54
N LEU A 159 -25.73 7.99 -4.56
CA LEU A 159 -26.75 7.36 -3.74
C LEU A 159 -26.24 6.74 -2.44
N GLY A 160 -24.93 6.77 -2.24
CA GLY A 160 -24.37 6.19 -1.03
C GLY A 160 -22.90 5.88 -1.18
N VAL A 161 -22.17 5.99 -0.07
CA VAL A 161 -20.73 5.74 -0.05
C VAL A 161 -20.38 4.87 1.13
N GLU A 162 -19.41 4.00 0.93
CA GLU A 162 -18.97 3.11 1.99
C GLU A 162 -17.46 2.96 1.90
N ASN A 163 -16.78 3.21 3.01
CA ASN A 163 -15.33 3.10 3.07
C ASN A 163 -14.95 1.76 3.67
N MET A 164 -14.14 1.01 2.92
CA MET A 164 -13.63 -0.29 3.37
C MET A 164 -12.15 -0.06 3.69
N ASN A 165 -11.50 -1.08 4.23
CA ASN A 165 -10.10 -0.95 4.59
C ASN A 165 -9.19 -0.78 3.38
N HIS A 166 -9.57 -1.37 2.25
CA HIS A 166 -8.74 -1.29 1.05
C HIS A 166 -9.38 -0.68 -0.18
N TYR A 167 -10.65 -0.28 -0.07
CA TYR A 167 -11.33 0.32 -1.20
C TYR A 167 -12.54 1.09 -0.71
N LYS A 168 -13.11 1.89 -1.60
CA LYS A 168 -14.29 2.70 -1.29
C LYS A 168 -15.32 2.39 -2.36
N LYS A 169 -16.56 2.14 -1.94
CA LYS A 169 -17.65 1.83 -2.86
C LYS A 169 -18.67 2.97 -2.88
N THR A 170 -18.99 3.44 -4.07
CA THR A 170 -19.95 4.53 -4.25
C THR A 170 -21.03 4.08 -5.24
N THR A 171 -22.29 4.24 -4.86
CA THR A 171 -23.37 3.86 -5.76
C THR A 171 -23.85 5.12 -6.46
N LEU A 172 -23.88 5.08 -7.79
CA LEU A 172 -24.29 6.24 -8.56
C LEU A 172 -25.51 6.00 -9.43
N GLU A 173 -26.27 7.07 -9.66
CA GLU A 173 -27.44 6.99 -10.51
C GLU A 173 -27.17 7.87 -11.71
N ILE A 174 -27.29 7.31 -12.90
CA ILE A 174 -27.07 8.07 -14.13
C ILE A 174 -28.45 8.28 -14.74
N HIS A 175 -28.86 9.53 -14.82
CA HIS A 175 -30.15 9.87 -15.40
C HIS A 175 -29.94 10.52 -16.75
N ASN A 176 -30.43 9.88 -17.80
CA ASN A 176 -30.30 10.43 -19.15
C ASN A 176 -31.61 11.17 -19.39
N THR A 177 -31.54 12.50 -19.46
CA THR A 177 -32.72 13.32 -19.67
C THR A 177 -33.21 13.28 -21.11
N GLU A 178 -32.33 12.89 -22.02
CA GLU A 178 -32.66 12.78 -23.43
C GLU A 178 -33.58 11.58 -23.66
N GLU A 179 -33.16 10.43 -23.13
CA GLU A 179 -33.92 9.19 -23.27
C GLU A 179 -34.90 8.98 -22.13
N ARG A 180 -34.80 9.82 -21.10
CA ARG A 180 -35.67 9.71 -19.93
C ARG A 180 -35.59 8.32 -19.32
N GLN A 181 -34.36 7.90 -19.00
CA GLN A 181 -34.11 6.60 -18.40
C GLN A 181 -33.05 6.75 -17.31
N LYS A 182 -33.10 5.88 -16.32
CA LYS A 182 -32.14 5.91 -15.21
C LYS A 182 -31.48 4.56 -15.03
N ARG A 183 -30.22 4.58 -14.61
CA ARG A 183 -29.47 3.36 -14.38
C ARG A 183 -28.56 3.56 -13.19
N GLN A 184 -28.24 2.48 -12.50
CA GLN A 184 -27.35 2.52 -11.36
C GLN A 184 -26.02 1.90 -11.74
N VAL A 185 -24.95 2.58 -11.33
CA VAL A 185 -23.59 2.11 -11.61
C VAL A 185 -22.84 2.11 -10.29
N THR A 186 -21.98 1.12 -10.09
CA THR A 186 -21.19 1.06 -8.88
C THR A 186 -19.78 1.50 -9.21
N HIS A 187 -19.26 2.43 -8.41
CA HIS A 187 -17.93 2.96 -8.59
C HIS A 187 -17.04 2.45 -7.44
N PHE A 188 -15.96 1.75 -7.80
CA PHE A 188 -15.03 1.21 -6.81
C PHE A 188 -13.68 1.90 -6.94
N GLN A 189 -13.17 2.42 -5.84
CA GLN A 189 -11.86 3.03 -5.86
C GLN A 189 -10.94 2.22 -4.96
N PHE A 190 -9.93 1.60 -5.55
CA PHE A 190 -8.96 0.81 -4.78
C PHE A 190 -8.08 1.83 -4.07
N LEU A 191 -7.85 1.62 -2.78
CA LEU A 191 -7.08 2.57 -1.98
C LEU A 191 -5.70 2.13 -1.54
N SER A 192 -5.39 0.85 -1.72
CA SER A 192 -4.11 0.33 -1.25
C SER A 192 -2.92 0.23 -2.20
N TRP A 193 -2.99 0.84 -3.38
CA TRP A 193 -1.83 0.80 -4.26
C TRP A 193 -0.89 1.89 -3.75
N PRO A 194 0.34 1.53 -3.38
CA PRO A 194 1.30 2.50 -2.85
C PRO A 194 1.70 3.64 -3.80
N ASP A 195 2.11 4.76 -3.22
CA ASP A 195 2.52 5.93 -4.00
C ASP A 195 3.76 5.63 -4.83
N TYR A 196 4.58 4.71 -4.34
CA TYR A 196 5.79 4.29 -5.03
C TYR A 196 5.80 2.78 -5.15
N GLY A 197 6.30 2.28 -6.27
CA GLY A 197 6.37 0.85 -6.49
C GLY A 197 5.05 0.13 -6.62
N VAL A 198 5.06 -1.14 -6.25
CA VAL A 198 3.89 -2.00 -6.33
C VAL A 198 3.49 -2.51 -4.95
N PRO A 199 2.26 -3.05 -4.82
CA PRO A 199 1.84 -3.55 -3.51
C PRO A 199 2.82 -4.61 -2.97
N SER A 200 3.11 -4.54 -1.67
CA SER A 200 4.02 -5.50 -1.04
C SER A 200 3.38 -6.88 -0.94
N SER A 201 2.05 -6.89 -0.96
CA SER A 201 1.28 -8.13 -0.92
C SER A 201 0.11 -7.92 -1.86
N ALA A 202 -0.26 -8.98 -2.60
CA ALA A 202 -1.35 -8.88 -3.55
C ALA A 202 -2.70 -9.28 -2.95
N ALA A 203 -2.71 -9.65 -1.68
CA ALA A 203 -3.94 -10.09 -1.03
C ALA A 203 -5.08 -9.08 -1.12
N SER A 204 -4.81 -7.81 -0.83
CA SER A 204 -5.86 -6.79 -0.89
C SER A 204 -6.37 -6.58 -2.32
N LEU A 205 -5.46 -6.53 -3.28
CA LEU A 205 -5.83 -6.32 -4.68
C LEU A 205 -6.68 -7.50 -5.17
N ILE A 206 -6.29 -8.72 -4.84
CA ILE A 206 -7.05 -9.88 -5.27
C ILE A 206 -8.41 -9.94 -4.57
N ASP A 207 -8.48 -9.51 -3.32
CA ASP A 207 -9.77 -9.52 -2.63
C ASP A 207 -10.68 -8.48 -3.30
N PHE A 208 -10.08 -7.34 -3.63
CA PHE A 208 -10.79 -6.26 -4.30
C PHE A 208 -11.34 -6.77 -5.63
N LEU A 209 -10.52 -7.51 -6.35
CA LEU A 209 -10.93 -8.08 -7.63
C LEU A 209 -12.15 -8.97 -7.44
N ARG A 210 -12.17 -9.73 -6.35
CA ARG A 210 -13.29 -10.62 -6.09
C ARG A 210 -14.55 -9.83 -5.82
N VAL A 211 -14.42 -8.70 -5.13
CA VAL A 211 -15.54 -7.81 -4.84
C VAL A 211 -16.09 -7.24 -6.15
N VAL A 212 -15.18 -6.80 -7.01
CA VAL A 212 -15.57 -6.23 -8.30
C VAL A 212 -16.29 -7.28 -9.14
N ARG A 213 -15.71 -8.48 -9.21
CA ARG A 213 -16.30 -9.58 -9.96
C ARG A 213 -17.73 -9.86 -9.50
N ASN A 214 -17.92 -9.97 -8.19
CA ASN A 214 -19.23 -10.26 -7.64
C ASN A 214 -20.25 -9.17 -7.93
N GLN A 215 -19.84 -7.91 -7.87
CA GLN A 215 -20.77 -6.81 -8.14
C GLN A 215 -21.16 -6.81 -9.61
N GLN A 216 -20.19 -7.02 -10.50
CA GLN A 216 -20.47 -7.06 -11.92
C GLN A 216 -21.49 -8.18 -12.19
N SER A 217 -21.25 -9.34 -11.59
CA SER A 217 -22.13 -10.49 -11.76
C SER A 217 -23.54 -10.18 -11.26
N LEU A 218 -23.62 -9.55 -10.08
CA LEU A 218 -24.91 -9.19 -9.49
C LEU A 218 -25.63 -8.17 -10.36
N ALA A 219 -24.92 -7.12 -10.77
CA ALA A 219 -25.49 -6.07 -11.59
C ALA A 219 -26.00 -6.62 -12.92
N VAL A 220 -25.23 -7.53 -13.51
CA VAL A 220 -25.61 -8.14 -14.78
C VAL A 220 -26.91 -8.94 -14.63
N SER A 221 -27.00 -9.71 -13.56
CA SER A 221 -28.18 -10.53 -13.30
C SER A 221 -29.45 -9.70 -13.18
N ASN A 222 -29.30 -8.45 -12.74
CA ASN A 222 -30.46 -7.57 -12.57
C ASN A 222 -30.71 -6.62 -13.72
N MET A 223 -29.81 -6.60 -14.70
CA MET A 223 -29.96 -5.70 -15.85
C MET A 223 -30.93 -6.24 -16.89
N GLY A 224 -31.34 -5.36 -17.81
CA GLY A 224 -32.27 -5.77 -18.85
C GLY A 224 -31.63 -6.70 -19.86
N ALA A 225 -32.46 -7.50 -20.54
CA ALA A 225 -31.97 -8.45 -21.53
C ALA A 225 -31.31 -7.73 -22.70
N ARG A 226 -30.14 -8.20 -23.09
CA ARG A 226 -29.40 -7.61 -24.21
C ARG A 226 -28.44 -8.64 -24.79
N CYS A 231 -25.06 -5.23 -24.10
CA CYS A 231 -23.78 -5.89 -24.38
C CYS A 231 -23.85 -7.36 -23.95
N PRO A 232 -23.09 -8.24 -24.62
CA PRO A 232 -23.04 -9.69 -24.33
C PRO A 232 -22.69 -9.89 -22.86
N GLU A 233 -22.51 -8.76 -22.21
CA GLU A 233 -22.15 -8.60 -20.80
C GLU A 233 -21.42 -7.29 -20.95
N PRO A 234 -21.95 -6.21 -20.35
CA PRO A 234 -21.28 -4.92 -20.45
C PRO A 234 -19.85 -4.97 -19.94
N PRO A 235 -18.97 -4.13 -20.50
CA PRO A 235 -17.59 -4.13 -20.05
C PRO A 235 -17.44 -3.42 -18.71
N ILE A 236 -16.39 -3.76 -17.98
CA ILE A 236 -16.10 -3.12 -16.71
C ILE A 236 -15.10 -2.02 -17.09
N VAL A 237 -15.39 -0.78 -16.69
CA VAL A 237 -14.45 0.30 -16.99
C VAL A 237 -13.39 0.29 -15.93
N VAL A 238 -12.13 0.27 -16.35
CA VAL A 238 -11.00 0.26 -15.43
C VAL A 238 -10.07 1.39 -15.84
N HIS A 239 -9.69 2.22 -14.87
CA HIS A 239 -8.78 3.31 -15.20
C HIS A 239 -7.76 3.63 -14.12
N CYS A 240 -6.68 4.24 -14.57
CA CYS A 240 -5.58 4.71 -13.73
C CYS A 240 -5.15 5.95 -14.53
N SER A 241 -4.09 6.62 -14.13
CA SER A 241 -3.67 7.84 -14.83
C SER A 241 -3.71 7.75 -16.36
N ALA A 242 -2.93 6.84 -16.94
CA ALA A 242 -2.89 6.70 -18.39
C ALA A 242 -3.69 5.51 -18.89
N GLY A 243 -4.21 4.72 -17.96
CA GLY A 243 -4.98 3.56 -18.34
C GLY A 243 -4.16 2.42 -18.89
N ILE A 244 -2.91 2.30 -18.46
CA ILE A 244 -2.05 1.23 -18.95
C ILE A 244 -1.29 0.46 -17.86
N GLY A 245 -0.84 1.17 -16.82
CA GLY A 245 -0.08 0.52 -15.77
C GLY A 245 -0.89 -0.31 -14.80
N ARG A 246 -1.53 0.35 -13.84
CA ARG A 246 -2.35 -0.35 -12.87
C ARG A 246 -3.53 -1.00 -13.56
N THR A 247 -4.03 -0.36 -14.62
CA THR A 247 -5.15 -0.93 -15.37
C THR A 247 -4.72 -2.26 -15.99
N GLY A 248 -3.55 -2.26 -16.60
CA GLY A 248 -3.05 -3.48 -17.22
C GLY A 248 -2.80 -4.57 -16.20
N THR A 249 -2.35 -4.18 -15.00
CA THR A 249 -2.08 -5.14 -13.95
C THR A 249 -3.36 -5.77 -13.42
N PHE A 250 -4.37 -4.93 -13.14
CA PHE A 250 -5.66 -5.41 -12.65
C PHE A 250 -6.25 -6.41 -13.63
N CYS A 251 -6.28 -6.04 -14.90
CA CYS A 251 -6.85 -6.90 -15.93
C CYS A 251 -6.04 -8.17 -16.19
N SER A 252 -4.72 -8.07 -16.19
CA SER A 252 -3.90 -9.25 -16.43
C SER A 252 -4.08 -10.26 -15.30
N LEU A 253 -4.15 -9.78 -14.07
CA LEU A 253 -4.32 -10.67 -12.93
C LEU A 253 -5.69 -11.36 -12.98
N ASP A 254 -6.72 -10.59 -13.32
CA ASP A 254 -8.06 -11.12 -13.41
C ASP A 254 -8.07 -12.27 -14.42
N ILE A 255 -7.46 -12.05 -15.58
CA ILE A 255 -7.40 -13.05 -16.64
C ILE A 255 -6.62 -14.30 -16.23
N CYS A 256 -5.45 -14.11 -15.64
CA CYS A 256 -4.64 -15.26 -15.22
C CYS A 256 -5.32 -16.06 -14.11
N LEU A 257 -5.88 -15.37 -13.13
CA LEU A 257 -6.55 -16.07 -12.04
C LEU A 257 -7.78 -16.82 -12.54
N ALA A 258 -8.46 -16.25 -13.54
CA ALA A 258 -9.66 -16.90 -14.09
C ALA A 258 -9.29 -18.24 -14.72
N GLN A 259 -8.19 -18.24 -15.46
CA GLN A 259 -7.75 -19.47 -16.12
C GLN A 259 -7.24 -20.44 -15.07
N LEU A 260 -6.56 -19.93 -14.06
CA LEU A 260 -6.03 -20.76 -12.99
C LEU A 260 -7.15 -21.48 -12.24
N GLU A 261 -8.26 -20.79 -12.03
CA GLU A 261 -9.40 -21.38 -11.33
C GLU A 261 -10.08 -22.44 -12.18
N GLU A 262 -10.19 -22.20 -13.48
CA GLU A 262 -10.85 -23.14 -14.37
C GLU A 262 -10.00 -24.32 -14.87
N LEU A 263 -8.74 -24.09 -15.19
CA LEU A 263 -7.91 -25.18 -15.69
C LEU A 263 -6.64 -25.45 -14.88
N GLY A 264 -6.36 -24.60 -13.91
CA GLY A 264 -5.17 -24.78 -13.09
C GLY A 264 -3.90 -24.39 -13.83
N THR A 265 -4.04 -23.57 -14.86
CA THR A 265 -2.89 -23.12 -15.64
C THR A 265 -3.00 -21.64 -15.98
N LEU A 266 -1.87 -21.06 -16.40
CA LEU A 266 -1.83 -19.66 -16.78
C LEU A 266 -0.52 -19.35 -17.50
N ASN A 267 -0.46 -18.19 -18.15
CA ASN A 267 0.75 -17.77 -18.86
C ASN A 267 0.78 -16.24 -18.87
N VAL A 268 1.57 -15.66 -17.97
CA VAL A 268 1.70 -14.21 -17.84
C VAL A 268 2.21 -13.56 -19.12
N PHE A 269 3.28 -14.10 -19.69
CA PHE A 269 3.84 -13.56 -20.91
C PHE A 269 2.79 -13.48 -22.01
N GLN A 270 2.02 -14.57 -22.18
CA GLN A 270 0.97 -14.63 -23.19
C GLN A 270 -0.10 -13.58 -22.95
N THR A 271 -0.61 -13.53 -21.72
CA THR A 271 -1.66 -12.60 -21.36
C THR A 271 -1.29 -11.15 -21.56
N VAL A 272 -0.08 -10.77 -21.13
CA VAL A 272 0.36 -9.39 -21.28
C VAL A 272 0.61 -9.03 -22.75
N SER A 273 1.23 -9.93 -23.51
CA SER A 273 1.48 -9.69 -24.93
C SER A 273 0.16 -9.48 -25.67
N ARG A 274 -0.80 -10.35 -25.38
CA ARG A 274 -2.13 -10.29 -25.99
C ARG A 274 -2.83 -8.99 -25.61
N MET A 275 -2.80 -8.64 -24.32
CA MET A 275 -3.47 -7.43 -23.87
C MET A 275 -2.91 -6.17 -24.53
N ARG A 276 -1.61 -6.15 -24.79
CA ARG A 276 -0.98 -5.00 -25.40
C ARG A 276 -1.38 -4.76 -26.85
N THR A 277 -2.13 -5.70 -27.43
CA THR A 277 -2.60 -5.57 -28.80
C THR A 277 -3.99 -4.94 -28.77
N GLN A 278 -4.53 -4.75 -27.58
CA GLN A 278 -5.85 -4.15 -27.42
C GLN A 278 -5.73 -2.82 -26.68
N ARG A 279 -5.02 -2.82 -25.55
CA ARG A 279 -4.77 -1.59 -24.82
C ARG A 279 -3.26 -1.43 -24.92
N ALA A 280 -2.81 -0.73 -25.96
CA ALA A 280 -1.39 -0.54 -26.18
C ALA A 280 -0.66 -0.03 -24.94
N PHE A 281 0.56 -0.54 -24.77
CA PHE A 281 1.44 -0.17 -23.66
C PHE A 281 1.05 -0.71 -22.29
N SER A 282 0.07 -1.62 -22.23
CA SER A 282 -0.35 -2.21 -20.95
C SER A 282 0.84 -2.79 -20.18
N ILE A 283 0.89 -2.49 -18.89
CA ILE A 283 1.97 -2.89 -17.97
C ILE A 283 3.09 -1.92 -18.34
N GLN A 284 3.28 -0.90 -17.51
CA GLN A 284 4.26 0.14 -17.75
C GLN A 284 5.68 0.05 -17.22
N THR A 285 5.90 -0.80 -16.23
CA THR A 285 7.23 -0.93 -15.67
C THR A 285 7.57 -2.39 -15.45
N PRO A 286 8.86 -2.72 -15.37
CA PRO A 286 9.27 -4.10 -15.15
C PRO A 286 8.80 -4.56 -13.77
N GLU A 287 8.69 -3.61 -12.84
CA GLU A 287 8.23 -3.90 -11.49
C GLU A 287 6.79 -4.41 -11.54
N GLN A 288 5.96 -3.76 -12.35
CA GLN A 288 4.57 -4.19 -12.45
C GLN A 288 4.52 -5.57 -13.10
N TYR A 289 5.37 -5.80 -14.09
CA TYR A 289 5.42 -7.07 -14.77
C TYR A 289 5.80 -8.17 -13.78
N TYR A 290 6.87 -7.92 -13.03
CA TYR A 290 7.32 -8.87 -12.03
C TYR A 290 6.22 -9.10 -11.00
N PHE A 291 5.51 -8.04 -10.64
CA PHE A 291 4.42 -8.13 -9.66
C PHE A 291 3.36 -9.11 -10.13
N CYS A 292 3.08 -9.15 -11.43
CA CYS A 292 2.07 -10.08 -11.92
C CYS A 292 2.46 -11.52 -11.58
N TYR A 293 3.72 -11.85 -11.80
CA TYR A 293 4.24 -13.18 -11.50
C TYR A 293 4.21 -13.44 -9.99
N LYS A 294 4.73 -12.49 -9.22
CA LYS A 294 4.78 -12.64 -7.78
C LYS A 294 3.40 -12.73 -7.14
N ALA A 295 2.46 -11.97 -7.67
CA ALA A 295 1.11 -11.99 -7.11
C ALA A 295 0.46 -13.37 -7.30
N ILE A 296 0.69 -13.97 -8.46
CA ILE A 296 0.12 -15.28 -8.73
C ILE A 296 0.75 -16.32 -7.81
N LEU A 297 2.07 -16.22 -7.62
CA LEU A 297 2.75 -17.16 -6.75
C LEU A 297 2.32 -16.98 -5.30
N GLU A 298 2.05 -15.74 -4.91
CA GLU A 298 1.60 -15.45 -3.55
C GLU A 298 0.20 -16.02 -3.39
N PHE A 299 -0.62 -15.87 -4.42
CA PHE A 299 -1.98 -16.42 -4.40
C PHE A 299 -1.91 -17.93 -4.24
N ALA A 300 -1.04 -18.58 -5.02
CA ALA A 300 -0.89 -20.03 -4.94
C ALA A 300 -0.52 -20.49 -3.53
N GLU A 301 0.38 -19.77 -2.88
CA GLU A 301 0.80 -20.11 -1.51
C GLU A 301 -0.40 -19.96 -0.57
N LYS A 302 -1.12 -18.86 -0.68
CA LYS A 302 -2.28 -18.64 0.17
C LYS A 302 -3.34 -19.73 -0.01
N GLU A 303 -3.43 -20.26 -1.22
CA GLU A 303 -4.39 -21.32 -1.53
C GLU A 303 -3.86 -22.71 -1.18
N GLY A 304 -2.68 -22.75 -0.57
CA GLY A 304 -2.07 -24.02 -0.19
C GLY A 304 -1.65 -24.89 -1.35
N MET A 305 -1.20 -24.27 -2.45
CA MET A 305 -0.80 -25.01 -3.64
C MET A 305 0.72 -25.10 -3.79
N VAL A 306 1.47 -24.56 -2.84
CA VAL A 306 2.93 -24.59 -2.96
C VAL A 306 3.70 -25.36 -1.89
N SER A 307 4.59 -26.24 -2.34
CA SER A 307 5.45 -27.01 -1.45
C SER A 307 6.85 -26.44 -1.66
N ALA A 308 7.53 -26.12 -0.57
CA ALA A 308 8.89 -25.56 -0.66
C ALA A 308 9.94 -26.64 -0.58
N SER B 2 10.73 19.11 19.54
CA SER B 2 10.00 17.96 18.97
C SER B 2 8.76 18.43 18.21
N VAL B 3 8.37 17.69 17.18
CA VAL B 3 7.18 18.06 16.42
C VAL B 3 5.96 17.63 17.23
N HIS B 4 6.17 16.78 18.23
CA HIS B 4 5.06 16.31 19.04
C HIS B 4 4.92 17.14 20.31
N VAL B 5 4.16 18.22 20.19
CA VAL B 5 3.89 19.13 21.29
C VAL B 5 2.37 19.23 21.37
N PRO B 6 1.83 19.53 22.56
CA PRO B 6 0.38 19.64 22.75
C PRO B 6 -0.30 20.88 22.18
N GLY B 7 -1.63 20.78 22.09
CA GLY B 7 -2.49 21.86 21.62
C GLY B 7 -2.10 22.71 20.43
N PRO B 8 -3.10 23.31 19.75
CA PRO B 8 -4.52 23.17 20.12
C PRO B 8 -5.10 21.88 19.53
N HIS B 9 -6.41 21.71 19.69
CA HIS B 9 -7.12 20.54 19.17
C HIS B 9 -7.03 19.30 20.05
N ALA B 10 -6.19 19.33 21.08
CA ALA B 10 -6.04 18.18 21.97
C ALA B 10 -7.39 17.84 22.61
N MET B 11 -7.69 16.55 22.77
CA MET B 11 -8.95 16.12 23.36
C MET B 11 -8.77 15.32 24.64
N THR B 12 -9.70 15.49 25.58
CA THR B 12 -9.66 14.73 26.82
C THR B 12 -10.28 13.38 26.49
N ILE B 13 -10.24 12.43 27.44
CA ILE B 13 -10.83 11.13 27.21
C ILE B 13 -12.31 11.26 26.91
N GLN B 14 -13.00 12.07 27.70
CA GLN B 14 -14.43 12.31 27.52
C GLN B 14 -14.74 12.83 26.11
N GLU B 15 -13.96 13.81 25.66
CA GLU B 15 -14.16 14.37 24.34
C GLU B 15 -13.80 13.37 23.25
N LEU B 16 -12.87 12.48 23.55
CA LEU B 16 -12.46 11.48 22.57
C LEU B 16 -13.58 10.46 22.37
N VAL B 17 -14.27 10.12 23.45
CA VAL B 17 -15.38 9.17 23.41
C VAL B 17 -16.48 9.70 22.49
N ASP B 18 -16.82 10.97 22.66
CA ASP B 18 -17.86 11.58 21.84
C ASP B 18 -17.41 11.79 20.40
N TYR B 19 -16.13 12.10 20.23
CA TYR B 19 -15.56 12.32 18.90
C TYR B 19 -15.68 11.06 18.05
N VAL B 20 -15.30 9.92 18.63
CA VAL B 20 -15.37 8.65 17.93
C VAL B 20 -16.81 8.19 17.73
N ASN B 21 -17.65 8.37 18.74
CA ASN B 21 -19.05 7.96 18.61
C ASN B 21 -19.74 8.74 17.49
N ALA B 22 -19.30 9.97 17.25
CA ALA B 22 -19.88 10.82 16.23
C ALA B 22 -19.41 10.47 14.81
N ARG B 23 -18.36 9.68 14.72
CA ARG B 23 -17.81 9.29 13.42
C ARG B 23 -17.92 7.81 13.10
N GLN B 24 -17.62 6.96 14.06
CA GLN B 24 -17.69 5.51 13.87
C GLN B 24 -16.69 5.12 12.78
N LYS B 25 -16.74 3.85 12.36
CA LYS B 25 -15.82 3.36 11.34
C LYS B 25 -15.77 4.23 10.09
N GLN B 26 -16.93 4.52 9.51
CA GLN B 26 -16.99 5.33 8.31
C GLN B 26 -16.31 6.68 8.45
N GLY B 27 -16.61 7.38 9.55
CA GLY B 27 -16.00 8.68 9.77
C GLY B 27 -14.51 8.62 10.03
N ILE B 28 -14.09 7.63 10.81
CA ILE B 28 -12.66 7.50 11.11
C ILE B 28 -11.89 7.06 9.87
N TYR B 29 -12.49 6.20 9.06
CA TYR B 29 -11.83 5.74 7.82
C TYR B 29 -11.67 6.93 6.86
N GLU B 30 -12.68 7.78 6.79
CA GLU B 30 -12.63 8.95 5.92
C GLU B 30 -11.50 9.86 6.39
N GLU B 31 -11.35 9.97 7.70
CA GLU B 31 -10.31 10.80 8.30
C GLU B 31 -8.93 10.26 7.92
N TYR B 32 -8.77 8.95 7.90
CA TYR B 32 -7.48 8.41 7.51
C TYR B 32 -7.19 8.75 6.04
N GLU B 33 -8.22 8.72 5.21
CA GLU B 33 -8.03 9.04 3.80
C GLU B 33 -7.56 10.48 3.62
N ASP B 34 -7.98 11.36 4.54
CA ASP B 34 -7.57 12.75 4.46
C ASP B 34 -6.07 12.81 4.72
N ILE B 35 -5.59 11.92 5.59
CA ILE B 35 -4.18 11.84 5.92
C ILE B 35 -3.38 11.24 4.76
N ARG B 36 -3.85 10.10 4.24
CA ARG B 36 -3.17 9.42 3.14
C ARG B 36 -3.14 10.26 1.87
N ARG B 37 -4.05 11.20 1.78
CA ARG B 37 -4.18 12.08 0.63
C ARG B 37 -3.04 13.10 0.54
N GLU B 38 -2.43 13.43 1.67
CA GLU B 38 -1.34 14.39 1.71
C GLU B 38 -0.03 13.79 1.24
N ASN B 39 0.70 14.55 0.43
CA ASN B 39 1.98 14.10 -0.10
C ASN B 39 3.11 14.56 0.82
N PRO B 40 4.03 13.64 1.15
CA PRO B 40 5.14 13.98 2.05
C PRO B 40 6.09 15.04 1.49
N VAL B 41 6.60 15.88 2.38
CA VAL B 41 7.54 16.93 2.00
C VAL B 41 8.94 16.41 2.24
N GLY B 42 9.74 16.38 1.18
CA GLY B 42 11.09 15.89 1.28
C GLY B 42 11.44 15.08 0.06
N THR B 43 12.56 14.37 0.12
CA THR B 43 13.00 13.57 -1.01
C THR B 43 13.37 12.15 -0.60
N PHE B 44 13.39 11.25 -1.58
CA PHE B 44 13.70 9.85 -1.36
C PHE B 44 14.87 9.39 -2.22
N HIS B 45 15.75 10.31 -2.58
CA HIS B 45 16.89 9.99 -3.44
C HIS B 45 17.75 8.80 -3.02
N CYS B 46 18.26 8.81 -1.79
CA CYS B 46 19.13 7.74 -1.34
C CYS B 46 18.45 6.37 -1.29
N SER B 47 17.24 6.33 -0.75
CA SER B 47 16.49 5.09 -0.64
C SER B 47 16.22 4.47 -2.00
N MET B 48 16.04 5.32 -3.01
CA MET B 48 15.75 4.86 -4.37
C MET B 48 16.97 4.82 -5.29
N SER B 49 18.14 5.05 -4.73
CA SER B 49 19.37 5.04 -5.54
C SER B 49 19.81 3.65 -5.92
N PRO B 50 20.36 3.48 -7.13
CA PRO B 50 20.81 2.15 -7.53
C PRO B 50 21.93 1.84 -6.55
N GLY B 51 22.04 0.59 -6.11
CA GLY B 51 23.09 0.29 -5.16
C GLY B 51 22.53 0.19 -3.76
N ASN B 52 21.38 0.82 -3.53
CA ASN B 52 20.73 0.74 -2.22
C ASN B 52 19.42 -0.02 -2.35
N LEU B 53 18.99 -0.27 -3.59
CA LEU B 53 17.74 -0.98 -3.85
C LEU B 53 17.71 -2.35 -3.16
N GLU B 54 18.85 -3.02 -3.12
CA GLU B 54 18.95 -4.34 -2.51
C GLU B 54 18.85 -4.29 -0.99
N LYS B 55 18.99 -3.08 -0.43
CA LYS B 55 18.93 -2.91 1.02
C LYS B 55 17.53 -2.65 1.53
N ASN B 56 16.56 -2.55 0.62
CA ASN B 56 15.17 -2.31 1.00
C ASN B 56 14.38 -3.61 0.88
N ARG B 57 13.64 -3.95 1.94
CA ARG B 57 12.82 -5.15 1.93
C ARG B 57 11.67 -4.99 0.93
N TYR B 58 11.10 -3.79 0.88
CA TYR B 58 9.99 -3.48 -0.02
C TYR B 58 10.24 -2.22 -0.83
N GLY B 59 10.00 -2.27 -2.13
CA GLY B 59 10.21 -1.13 -2.98
C GLY B 59 9.13 -0.05 -2.85
N ASP B 60 8.06 -0.36 -2.12
CA ASP B 60 6.99 0.61 -1.94
C ASP B 60 7.12 1.43 -0.67
N VAL B 61 8.20 1.21 0.07
CA VAL B 61 8.40 1.95 1.31
C VAL B 61 9.78 2.58 1.41
N PRO B 62 10.04 3.64 0.63
CA PRO B 62 11.33 4.33 0.65
C PRO B 62 11.33 5.25 1.87
N CYS B 63 12.50 5.67 2.33
CA CYS B 63 12.54 6.56 3.47
C CYS B 63 13.10 7.93 3.10
N LEU B 64 12.62 8.95 3.82
CA LEU B 64 13.03 10.33 3.59
C LEU B 64 14.52 10.58 3.79
N ASP B 65 15.12 11.31 2.85
CA ASP B 65 16.53 11.65 2.94
C ASP B 65 16.78 12.49 4.20
N GLN B 66 15.91 13.47 4.41
CA GLN B 66 16.02 14.41 5.53
C GLN B 66 16.01 13.85 6.95
N THR B 67 15.50 12.64 7.14
CA THR B 67 15.44 12.07 8.48
C THR B 67 16.04 10.67 8.59
N ARG B 68 16.66 10.20 7.52
CA ARG B 68 17.22 8.86 7.54
C ARG B 68 18.45 8.77 8.43
N VAL B 69 18.63 7.59 9.01
CA VAL B 69 19.77 7.32 9.88
C VAL B 69 20.96 6.95 9.01
N LYS B 70 22.00 7.77 9.03
CA LYS B 70 23.19 7.50 8.23
C LYS B 70 24.23 6.69 8.97
N LEU B 71 24.86 5.76 8.26
CA LEU B 71 25.87 4.90 8.84
C LEU B 71 27.26 5.35 8.40
N THR B 72 28.26 5.11 9.24
CA THR B 72 29.62 5.47 8.87
C THR B 72 30.02 4.42 7.84
N LYS B 73 31.06 4.70 7.07
CA LYS B 73 31.52 3.76 6.05
C LYS B 73 33.00 4.01 5.79
N ARG B 74 33.60 3.12 5.02
CA ARG B 74 35.00 3.23 4.65
C ARG B 74 35.02 3.16 3.14
N SER B 75 35.87 3.95 2.50
CA SER B 75 35.95 3.95 1.05
C SER B 75 36.61 2.67 0.56
N GLY B 76 36.32 2.31 -0.69
CA GLY B 76 36.91 1.13 -1.29
C GLY B 76 36.45 -0.22 -0.79
N HIS B 77 35.31 -0.27 -0.10
CA HIS B 77 34.80 -1.54 0.41
C HIS B 77 33.39 -1.84 -0.06
N THR B 78 33.00 -1.25 -1.19
CA THR B 78 31.66 -1.44 -1.75
C THR B 78 30.56 -1.21 -0.72
N GLN B 79 30.74 -0.19 0.12
CA GLN B 79 29.76 0.13 1.16
C GLN B 79 29.05 1.46 0.89
N THR B 80 27.84 1.60 1.43
CA THR B 80 27.09 2.85 1.33
C THR B 80 26.69 3.21 2.75
N ASP B 81 26.32 4.47 2.99
CA ASP B 81 25.93 4.90 4.33
C ASP B 81 24.45 4.70 4.59
N TYR B 82 23.82 3.86 3.78
CA TYR B 82 22.38 3.66 3.88
C TYR B 82 21.79 2.44 4.60
N ILE B 83 20.71 2.73 5.33
CA ILE B 83 19.91 1.71 6.01
C ILE B 83 18.50 2.29 6.00
N ASN B 84 17.50 1.45 5.74
CA ASN B 84 16.13 1.94 5.69
C ASN B 84 15.67 2.12 7.13
N ALA B 85 15.94 3.29 7.68
CA ALA B 85 15.58 3.61 9.05
C ALA B 85 15.45 5.13 9.18
N SER B 86 14.49 5.57 9.98
CA SER B 86 14.26 7.00 10.15
C SER B 86 14.20 7.44 11.60
N PHE B 87 14.77 8.61 11.88
CA PHE B 87 14.71 9.17 13.22
C PHE B 87 13.29 9.70 13.37
N MET B 88 12.70 9.47 14.54
CA MET B 88 11.34 9.91 14.79
C MET B 88 11.23 10.55 16.16
N ASP B 89 10.60 11.73 16.22
CA ASP B 89 10.41 12.40 17.49
C ASP B 89 9.36 11.67 18.31
N GLY B 90 9.38 11.92 19.61
CA GLY B 90 8.41 11.34 20.52
C GLY B 90 7.76 12.52 21.22
N TYR B 91 6.92 12.26 22.21
CA TYR B 91 6.26 13.34 22.93
C TYR B 91 7.30 14.23 23.61
N LYS B 92 7.36 15.50 23.19
CA LYS B 92 8.31 16.46 23.75
C LYS B 92 9.72 15.89 23.86
N GLN B 93 10.10 15.06 22.89
CA GLN B 93 11.42 14.46 22.89
C GLN B 93 11.91 14.24 21.47
N LYS B 94 13.06 14.81 21.15
CA LYS B 94 13.62 14.66 19.81
C LYS B 94 14.28 13.30 19.66
N ASN B 95 14.13 12.70 18.47
CA ASN B 95 14.73 11.39 18.19
C ASN B 95 14.45 10.34 19.26
N ALA B 96 13.20 10.20 19.64
CA ALA B 96 12.82 9.21 20.64
C ALA B 96 12.85 7.80 20.07
N TYR B 97 12.65 7.69 18.76
CA TYR B 97 12.63 6.39 18.10
C TYR B 97 13.38 6.37 16.79
N ILE B 98 13.69 5.16 16.35
CA ILE B 98 14.27 4.95 15.04
C ILE B 98 13.35 3.86 14.51
N GLY B 99 12.55 4.22 13.51
CA GLY B 99 11.61 3.28 12.90
C GLY B 99 12.35 2.67 11.72
N THR B 100 12.34 1.34 11.63
CA THR B 100 13.06 0.68 10.57
C THR B 100 12.35 -0.60 10.12
N GLN B 101 12.80 -1.14 8.99
CA GLN B 101 12.26 -2.38 8.45
C GLN B 101 12.90 -3.58 9.16
N GLY B 102 12.31 -4.75 8.99
CA GLY B 102 12.87 -5.95 9.57
C GLY B 102 14.14 -6.22 8.78
N PRO B 103 15.29 -6.39 9.47
CA PRO B 103 16.57 -6.65 8.81
C PRO B 103 16.60 -7.82 7.83
N LEU B 104 17.33 -7.64 6.75
CA LEU B 104 17.53 -8.64 5.70
C LEU B 104 18.91 -9.24 5.95
N GLU B 105 19.15 -10.44 5.43
CA GLU B 105 20.46 -11.10 5.59
C GLU B 105 21.61 -10.16 5.26
N ASN B 106 21.45 -9.40 4.18
CA ASN B 106 22.50 -8.48 3.76
C ASN B 106 22.52 -7.15 4.49
N THR B 107 21.61 -6.96 5.46
CA THR B 107 21.61 -5.71 6.21
C THR B 107 21.79 -5.93 7.72
N TYR B 108 22.02 -7.17 8.13
CA TYR B 108 22.23 -7.47 9.55
C TYR B 108 23.38 -6.64 10.12
N ARG B 109 24.50 -6.60 9.39
CA ARG B 109 25.66 -5.85 9.82
C ARG B 109 25.33 -4.36 9.95
N ASP B 110 24.54 -3.83 9.01
CA ASP B 110 24.16 -2.43 9.03
C ASP B 110 23.27 -2.14 10.23
N PHE B 111 22.33 -3.05 10.49
CA PHE B 111 21.43 -2.89 11.62
C PHE B 111 22.19 -2.76 12.93
N TRP B 112 23.15 -3.66 13.17
CA TRP B 112 23.89 -3.62 14.41
C TRP B 112 24.84 -2.43 14.49
N LEU B 113 25.38 -2.02 13.36
CA LEU B 113 26.27 -0.85 13.34
C LEU B 113 25.42 0.35 13.77
N MET B 114 24.19 0.40 13.28
CA MET B 114 23.29 1.50 13.65
C MET B 114 23.02 1.46 15.16
N VAL B 115 22.67 0.29 15.67
CA VAL B 115 22.40 0.16 17.11
C VAL B 115 23.58 0.64 17.93
N TRP B 116 24.80 0.29 17.51
CA TRP B 116 25.97 0.72 18.25
C TRP B 116 26.23 2.22 18.15
N GLU B 117 26.25 2.75 16.94
CA GLU B 117 26.52 4.17 16.73
C GLU B 117 25.47 5.10 17.34
N GLN B 118 24.20 4.69 17.33
CA GLN B 118 23.16 5.53 17.91
C GLN B 118 22.98 5.29 19.41
N LYS B 119 23.84 4.44 19.97
CA LYS B 119 23.82 4.13 21.40
C LYS B 119 22.50 3.57 21.92
N VAL B 120 21.82 2.82 21.06
CA VAL B 120 20.53 2.22 21.39
C VAL B 120 20.63 1.25 22.57
N LEU B 121 19.61 1.29 23.44
CA LEU B 121 19.56 0.43 24.62
C LEU B 121 18.41 -0.56 24.56
N VAL B 122 17.39 -0.22 23.78
CA VAL B 122 16.19 -1.06 23.64
C VAL B 122 15.74 -1.21 22.19
N ILE B 123 15.42 -2.44 21.80
CA ILE B 123 14.94 -2.74 20.46
C ILE B 123 13.58 -3.39 20.60
N VAL B 124 12.62 -2.88 19.82
CA VAL B 124 11.26 -3.39 19.84
C VAL B 124 10.92 -4.02 18.49
N MET B 125 10.59 -5.30 18.52
CA MET B 125 10.23 -6.05 17.32
C MET B 125 8.75 -6.39 17.43
N THR B 126 7.97 -6.00 16.44
CA THR B 126 6.53 -6.23 16.48
C THR B 126 6.00 -7.34 15.60
N THR B 127 6.89 -8.17 15.05
CA THR B 127 6.46 -9.26 14.18
C THR B 127 7.24 -10.53 14.45
N ARG B 128 6.84 -11.59 13.75
CA ARG B 128 7.53 -12.87 13.83
C ARG B 128 8.32 -12.90 12.52
N PHE B 129 9.18 -13.90 12.32
CA PHE B 129 9.96 -13.96 11.09
C PHE B 129 9.08 -14.12 9.85
N GLU B 130 8.01 -14.89 10.01
CA GLU B 130 7.07 -15.13 8.93
C GLU B 130 5.68 -15.18 9.54
N GLU B 131 4.70 -14.64 8.81
CA GLU B 131 3.32 -14.61 9.29
C GLU B 131 2.38 -14.84 8.11
N GLY B 132 1.42 -15.74 8.29
CA GLY B 132 0.46 -16.03 7.24
C GLY B 132 1.12 -16.48 5.96
N GLY B 133 2.29 -17.09 6.08
CA GLY B 133 3.00 -17.58 4.92
C GLY B 133 3.87 -16.54 4.22
N ARG B 134 3.98 -15.36 4.80
CA ARG B 134 4.77 -14.29 4.19
C ARG B 134 5.95 -13.87 5.08
N ARG B 135 7.11 -13.69 4.46
CA ARG B 135 8.31 -13.28 5.19
C ARG B 135 8.17 -11.86 5.71
N LYS B 136 8.56 -11.65 6.96
CA LYS B 136 8.48 -10.34 7.58
C LYS B 136 9.80 -9.84 8.14
N CYS B 137 10.66 -10.75 8.59
CA CYS B 137 11.93 -10.33 9.18
C CYS B 137 12.95 -11.47 9.22
N GLY B 138 14.23 -11.11 9.14
CA GLY B 138 15.28 -12.11 9.20
C GLY B 138 15.69 -12.38 10.63
N GLN B 139 16.41 -13.47 10.86
CA GLN B 139 16.87 -13.84 12.19
C GLN B 139 18.22 -13.15 12.42
N TYR B 140 18.15 -11.87 12.76
CA TYR B 140 19.35 -11.04 12.95
C TYR B 140 20.03 -11.09 14.32
N TRP B 141 19.50 -11.88 15.25
CA TRP B 141 20.11 -11.97 16.58
C TRP B 141 20.17 -13.42 17.06
N PRO B 142 21.14 -13.73 17.93
CA PRO B 142 21.28 -15.09 18.45
C PRO B 142 20.08 -15.47 19.31
N LEU B 143 19.31 -16.45 18.86
CA LEU B 143 18.09 -16.86 19.56
C LEU B 143 18.26 -17.58 20.90
N GLU B 144 19.25 -18.47 20.99
CA GLU B 144 19.48 -19.24 22.20
C GLU B 144 20.46 -18.59 23.16
N LYS B 145 20.14 -18.67 24.46
CA LYS B 145 21.01 -18.11 25.50
C LYS B 145 22.40 -18.73 25.34
N ASP B 146 23.43 -17.90 25.47
CA ASP B 146 24.82 -18.30 25.34
C ASP B 146 25.32 -18.24 23.89
N SER B 147 24.39 -18.32 22.94
CA SER B 147 24.75 -18.26 21.53
C SER B 147 25.27 -16.86 21.18
N ARG B 148 26.12 -16.78 20.17
CA ARG B 148 26.66 -15.49 19.74
C ARG B 148 26.87 -15.43 18.24
N ILE B 149 26.78 -14.23 17.68
CA ILE B 149 26.97 -14.02 16.25
C ILE B 149 27.91 -12.83 16.06
N ARG B 150 28.81 -12.94 15.11
CA ARG B 150 29.75 -11.85 14.84
C ARG B 150 29.43 -11.13 13.53
N PHE B 151 29.41 -9.80 13.60
CA PHE B 151 29.13 -8.97 12.45
C PHE B 151 30.28 -7.98 12.31
N GLY B 152 31.43 -8.46 11.85
CA GLY B 152 32.58 -7.59 11.71
C GLY B 152 33.21 -7.34 13.06
N PHE B 153 33.37 -6.07 13.41
CA PHE B 153 33.97 -5.72 14.69
C PHE B 153 32.93 -5.66 15.80
N LEU B 154 31.73 -6.15 15.51
CA LEU B 154 30.65 -6.18 16.50
C LEU B 154 30.23 -7.62 16.77
N THR B 155 30.19 -8.00 18.03
CA THR B 155 29.79 -9.35 18.42
C THR B 155 28.58 -9.28 19.34
N VAL B 156 27.52 -10.01 18.99
CA VAL B 156 26.31 -10.02 19.79
C VAL B 156 26.12 -11.36 20.47
N THR B 157 25.97 -11.31 21.80
CA THR B 157 25.78 -12.52 22.60
C THR B 157 24.44 -12.50 23.35
N ASN B 158 23.75 -13.63 23.32
CA ASN B 158 22.47 -13.76 24.00
C ASN B 158 22.74 -14.10 25.47
N LEU B 159 22.36 -13.20 26.37
CA LEU B 159 22.60 -13.43 27.80
C LEU B 159 21.41 -14.07 28.51
N GLY B 160 20.31 -14.27 27.80
CA GLY B 160 19.15 -14.86 28.42
C GLY B 160 17.84 -14.42 27.80
N VAL B 161 16.84 -15.30 27.85
CA VAL B 161 15.53 -15.00 27.30
C VAL B 161 14.44 -15.25 28.33
N GLU B 162 13.47 -14.36 28.38
CA GLU B 162 12.35 -14.47 29.29
C GLU B 162 11.10 -14.56 28.40
N ASN B 163 10.39 -15.68 28.51
CA ASN B 163 9.19 -15.87 27.69
C ASN B 163 7.93 -15.49 28.45
N MET B 164 7.40 -14.31 28.15
CA MET B 164 6.17 -13.84 28.77
C MET B 164 5.00 -14.36 27.96
N ASN B 165 3.79 -14.05 28.41
CA ASN B 165 2.60 -14.52 27.72
C ASN B 165 2.56 -13.99 26.29
N HIS B 166 2.50 -12.67 26.17
CA HIS B 166 2.41 -12.01 24.87
C HIS B 166 3.71 -11.50 24.26
N TYR B 167 4.86 -11.75 24.89
CA TYR B 167 6.13 -11.29 24.34
C TYR B 167 7.32 -12.02 24.95
N LYS B 168 8.47 -11.88 24.27
CA LYS B 168 9.71 -12.49 24.73
C LYS B 168 10.75 -11.38 24.90
N LYS B 169 11.40 -11.38 26.05
CA LYS B 169 12.43 -10.40 26.37
C LYS B 169 13.80 -11.08 26.31
N THR B 170 14.68 -10.57 25.46
CA THR B 170 16.02 -11.13 25.32
C THR B 170 17.06 -10.08 25.67
N THR B 171 17.99 -10.44 26.55
CA THR B 171 19.06 -9.54 26.94
C THR B 171 20.27 -9.85 26.08
N LEU B 172 20.79 -8.83 25.39
CA LEU B 172 21.92 -9.03 24.51
C LEU B 172 23.15 -8.23 24.93
N GLU B 173 24.32 -8.74 24.57
CA GLU B 173 25.57 -8.07 24.88
C GLU B 173 26.21 -7.75 23.53
N ILE B 174 26.43 -6.47 23.26
CA ILE B 174 27.07 -6.09 22.02
C ILE B 174 28.50 -5.71 22.36
N HIS B 175 29.44 -6.37 21.71
CA HIS B 175 30.85 -6.12 21.95
C HIS B 175 31.54 -5.55 20.73
N ASN B 176 32.07 -4.34 20.87
CA ASN B 176 32.79 -3.67 19.79
C ASN B 176 34.26 -4.00 20.07
N THR B 177 34.72 -5.12 19.51
CA THR B 177 36.09 -5.56 19.70
C THR B 177 37.11 -4.58 19.15
N GLU B 178 36.64 -3.57 18.45
CA GLU B 178 37.52 -2.55 17.89
C GLU B 178 37.72 -1.48 18.94
N GLU B 179 36.62 -0.82 19.31
CA GLU B 179 36.64 0.22 20.33
C GLU B 179 36.87 -0.38 21.71
N ARG B 180 36.93 -1.71 21.76
CA ARG B 180 37.16 -2.43 23.01
C ARG B 180 36.12 -2.05 24.07
N GLN B 181 34.84 -2.09 23.70
CA GLN B 181 33.79 -1.74 24.64
C GLN B 181 32.58 -2.67 24.54
N LYS B 182 31.89 -2.83 25.65
CA LYS B 182 30.70 -3.68 25.71
C LYS B 182 29.48 -2.87 26.12
N ARG B 183 28.32 -3.30 25.67
CA ARG B 183 27.07 -2.61 25.99
C ARG B 183 25.94 -3.64 26.05
N GLN B 184 25.03 -3.47 26.98
CA GLN B 184 23.91 -4.39 27.12
C GLN B 184 22.64 -3.78 26.53
N VAL B 185 22.00 -4.53 25.65
CA VAL B 185 20.78 -4.09 24.99
C VAL B 185 19.65 -5.08 25.26
N THR B 186 18.43 -4.58 25.38
CA THR B 186 17.28 -5.42 25.63
C THR B 186 16.42 -5.46 24.36
N HIS B 187 16.09 -6.68 23.93
CA HIS B 187 15.30 -6.92 22.73
C HIS B 187 13.94 -7.48 23.14
N PHE B 188 12.88 -6.77 22.73
CA PHE B 188 11.50 -7.16 23.03
C PHE B 188 10.78 -7.56 21.76
N GLN B 189 10.20 -8.76 21.73
CA GLN B 189 9.45 -9.21 20.56
C GLN B 189 8.00 -9.48 20.93
N PHE B 190 7.09 -8.70 20.35
CA PHE B 190 5.66 -8.87 20.61
C PHE B 190 5.19 -10.08 19.81
N LEU B 191 4.45 -10.98 20.46
CA LEU B 191 3.98 -12.19 19.79
C LEU B 191 2.46 -12.31 19.66
N SER B 192 1.72 -11.31 20.13
CA SER B 192 0.26 -11.37 20.08
C SER B 192 -0.47 -10.56 19.01
N TRP B 193 0.25 -10.14 17.96
CA TRP B 193 -0.42 -9.39 16.90
C TRP B 193 -0.92 -10.41 15.88
N PRO B 194 -2.23 -10.37 15.56
CA PRO B 194 -2.75 -11.34 14.60
C PRO B 194 -2.14 -11.21 13.20
N ASP B 195 -2.06 -12.33 12.49
CA ASP B 195 -1.49 -12.35 11.14
C ASP B 195 -2.30 -11.46 10.23
N TYR B 196 -3.60 -11.41 10.47
CA TYR B 196 -4.52 -10.62 9.68
C TYR B 196 -5.14 -9.50 10.51
N GLY B 197 -4.95 -8.26 10.08
CA GLY B 197 -5.52 -7.14 10.79
C GLY B 197 -4.90 -6.77 12.12
N VAL B 198 -5.65 -6.04 12.94
CA VAL B 198 -5.20 -5.59 14.25
C VAL B 198 -5.74 -6.44 15.40
N PRO B 199 -5.11 -6.36 16.58
CA PRO B 199 -5.55 -7.14 17.74
C PRO B 199 -7.01 -6.83 18.11
N SER B 200 -7.75 -7.85 18.53
CA SER B 200 -9.15 -7.67 18.92
C SER B 200 -9.20 -6.81 20.18
N SER B 201 -8.21 -7.00 21.05
CA SER B 201 -8.09 -6.24 22.30
C SER B 201 -6.69 -5.66 22.35
N ALA B 202 -6.58 -4.42 22.82
CA ALA B 202 -5.28 -3.75 22.90
C ALA B 202 -4.55 -3.99 24.22
N ALA B 203 -5.16 -4.76 25.11
CA ALA B 203 -4.56 -5.04 26.41
C ALA B 203 -3.12 -5.53 26.37
N SER B 204 -2.86 -6.57 25.58
CA SER B 204 -1.52 -7.12 25.48
C SER B 204 -0.52 -6.11 24.94
N LEU B 205 -0.92 -5.37 23.90
CA LEU B 205 -0.04 -4.37 23.30
C LEU B 205 0.27 -3.23 24.29
N ILE B 206 -0.73 -2.80 25.05
CA ILE B 206 -0.51 -1.72 26.02
C ILE B 206 0.45 -2.18 27.12
N ASP B 207 0.31 -3.43 27.55
CA ASP B 207 1.20 -3.96 28.57
C ASP B 207 2.61 -4.02 28.00
N PHE B 208 2.70 -4.37 26.72
CA PHE B 208 3.98 -4.45 26.03
C PHE B 208 4.64 -3.06 26.03
N LEU B 209 3.84 -2.04 25.72
CA LEU B 209 4.33 -0.67 25.69
C LEU B 209 4.90 -0.25 27.05
N ARG B 210 4.15 -0.51 28.12
CA ARG B 210 4.61 -0.15 29.45
C ARG B 210 5.93 -0.82 29.81
N VAL B 211 6.05 -2.10 29.47
CA VAL B 211 7.26 -2.85 29.76
C VAL B 211 8.46 -2.26 29.01
N VAL B 212 8.22 -1.88 27.76
CA VAL B 212 9.28 -1.29 26.95
C VAL B 212 9.70 0.06 27.53
N ARG B 213 8.73 0.89 27.90
CA ARG B 213 9.01 2.20 28.46
C ARG B 213 9.78 2.11 29.77
N ASN B 214 9.43 1.13 30.60
CA ASN B 214 10.10 0.95 31.88
C ASN B 214 11.54 0.48 31.70
N GLN B 215 11.77 -0.38 30.71
CA GLN B 215 13.12 -0.87 30.46
C GLN B 215 13.99 0.26 29.95
N GLN B 216 13.43 1.12 29.09
CA GLN B 216 14.18 2.25 28.54
C GLN B 216 14.56 3.20 29.67
N SER B 217 13.62 3.46 30.57
CA SER B 217 13.88 4.36 31.70
C SER B 217 14.92 3.77 32.65
N LEU B 218 14.92 2.45 32.81
CA LEU B 218 15.87 1.79 33.69
C LEU B 218 17.28 1.81 33.10
N ALA B 219 17.37 1.59 31.79
CA ALA B 219 18.66 1.57 31.11
C ALA B 219 19.27 2.96 31.09
N VAL B 220 18.43 3.98 30.94
CA VAL B 220 18.88 5.36 30.91
C VAL B 220 19.33 5.81 32.30
N SER B 221 18.59 5.41 33.33
CA SER B 221 18.91 5.77 34.71
C SER B 221 20.26 5.22 35.14
N ASN B 222 20.53 3.96 34.81
CA ASN B 222 21.80 3.34 35.17
C ASN B 222 22.87 3.61 34.12
N MET B 223 22.49 4.38 33.10
CA MET B 223 23.40 4.74 32.03
C MET B 223 24.51 5.65 32.55
N GLY B 224 25.73 5.10 32.62
CA GLY B 224 26.85 5.88 33.10
C GLY B 224 27.39 6.82 32.04
N ALA B 225 27.57 6.29 30.83
CA ALA B 225 28.10 7.08 29.71
C ALA B 225 26.94 7.60 28.86
N ARG B 226 26.41 8.75 29.26
CA ARG B 226 25.31 9.39 28.54
C ARG B 226 25.82 10.52 27.66
N CYS B 231 23.67 9.31 23.46
CA CYS B 231 23.35 10.72 23.44
C CYS B 231 22.15 10.99 24.35
N PRO B 232 21.80 12.28 24.56
CA PRO B 232 20.67 12.63 25.42
C PRO B 232 19.47 11.71 25.20
N GLU B 233 19.37 10.66 26.01
CA GLU B 233 18.28 9.70 25.89
C GLU B 233 18.36 9.09 24.49
N PRO B 234 19.02 7.93 24.35
CA PRO B 234 19.12 7.29 23.04
C PRO B 234 17.77 6.83 22.52
N PRO B 235 17.59 6.77 21.20
CA PRO B 235 16.33 6.35 20.61
C PRO B 235 16.05 4.88 20.83
N ILE B 236 14.77 4.53 20.80
CA ILE B 236 14.35 3.14 20.92
C ILE B 236 14.14 2.70 19.47
N VAL B 237 14.74 1.58 19.09
CA VAL B 237 14.57 1.08 17.73
C VAL B 237 13.27 0.28 17.69
N VAL B 238 12.40 0.61 16.76
CA VAL B 238 11.12 -0.09 16.63
C VAL B 238 11.00 -0.58 15.19
N HIS B 239 10.63 -1.83 14.99
CA HIS B 239 10.50 -2.34 13.64
C HIS B 239 9.43 -3.42 13.49
N CYS B 240 8.92 -3.54 12.28
CA CYS B 240 7.95 -4.57 11.93
C CYS B 240 8.52 -5.16 10.64
N SER B 241 7.76 -5.19 9.56
CA SER B 241 8.29 -5.72 8.30
C SER B 241 8.89 -4.57 7.47
N ALA B 242 8.12 -3.50 7.30
CA ALA B 242 8.58 -2.36 6.54
C ALA B 242 8.82 -1.11 7.38
N GLY B 243 8.48 -1.20 8.67
CA GLY B 243 8.68 -0.07 9.56
C GLY B 243 7.65 1.06 9.47
N ILE B 244 6.45 0.78 8.97
CA ILE B 244 5.43 1.82 8.90
C ILE B 244 4.08 1.42 9.49
N GLY B 245 3.73 0.14 9.37
CA GLY B 245 2.46 -0.34 9.89
C GLY B 245 2.39 -0.47 11.40
N ARG B 246 2.84 -1.61 11.91
CA ARG B 246 2.84 -1.83 13.34
C ARG B 246 3.78 -0.87 14.05
N THR B 247 4.87 -0.51 13.39
CA THR B 247 5.82 0.43 13.96
C THR B 247 5.16 1.79 14.18
N GLY B 248 4.38 2.22 13.19
CA GLY B 248 3.68 3.49 13.31
C GLY B 248 2.62 3.46 14.40
N THR B 249 1.92 2.33 14.50
CA THR B 249 0.88 2.19 15.52
C THR B 249 1.48 2.22 16.92
N PHE B 250 2.56 1.47 17.12
CA PHE B 250 3.24 1.41 18.40
C PHE B 250 3.70 2.81 18.84
N CYS B 251 4.40 3.50 17.95
CA CYS B 251 4.91 4.84 18.27
C CYS B 251 3.80 5.86 18.50
N SER B 252 2.77 5.81 17.67
CA SER B 252 1.65 6.74 17.80
C SER B 252 0.97 6.55 19.15
N LEU B 253 0.75 5.29 19.52
CA LEU B 253 0.11 4.99 20.79
C LEU B 253 0.98 5.48 21.95
N ASP B 254 2.30 5.28 21.83
CA ASP B 254 3.24 5.70 22.87
C ASP B 254 3.18 7.21 23.07
N ILE B 255 3.16 7.94 21.96
CA ILE B 255 3.12 9.41 22.00
C ILE B 255 1.82 9.91 22.60
N CYS B 256 0.69 9.34 22.15
CA CYS B 256 -0.60 9.75 22.66
C CYS B 256 -0.77 9.48 24.15
N LEU B 257 -0.32 8.31 24.61
CA LEU B 257 -0.44 7.98 26.01
C LEU B 257 0.50 8.82 26.87
N ALA B 258 1.59 9.29 26.26
CA ALA B 258 2.53 10.15 26.97
C ALA B 258 1.89 11.52 27.19
N GLN B 259 1.20 12.02 26.19
CA GLN B 259 0.55 13.32 26.32
C GLN B 259 -0.60 13.21 27.32
N LEU B 260 -1.31 12.08 27.28
CA LEU B 260 -2.42 11.85 28.19
C LEU B 260 -1.89 11.85 29.62
N GLU B 261 -0.75 11.20 29.83
CA GLU B 261 -0.17 11.14 31.16
C GLU B 261 0.25 12.50 31.69
N GLU B 262 0.79 13.36 30.84
CA GLU B 262 1.21 14.68 31.30
C GLU B 262 0.13 15.76 31.34
N LEU B 263 -0.67 15.84 30.28
CA LEU B 263 -1.70 16.88 30.18
C LEU B 263 -3.16 16.41 30.16
N GLY B 264 -3.39 15.11 30.22
CA GLY B 264 -4.74 14.60 30.21
C GLY B 264 -5.44 14.73 28.87
N THR B 265 -4.66 14.93 27.81
CA THR B 265 -5.23 15.06 26.46
C THR B 265 -4.37 14.35 25.44
N LEU B 266 -4.88 14.28 24.22
CA LEU B 266 -4.17 13.64 23.11
C LEU B 266 -4.91 13.98 21.82
N ASN B 267 -4.25 13.72 20.69
CA ASN B 267 -4.86 13.98 19.41
C ASN B 267 -4.23 13.02 18.42
N VAL B 268 -5.01 12.02 18.04
CA VAL B 268 -4.55 10.99 17.12
C VAL B 268 -4.20 11.55 15.74
N PHE B 269 -5.09 12.37 15.18
CA PHE B 269 -4.88 12.95 13.87
C PHE B 269 -3.57 13.71 13.76
N GLN B 270 -3.30 14.61 14.70
CA GLN B 270 -2.06 15.38 14.65
C GLN B 270 -0.83 14.51 14.88
N THR B 271 -0.94 13.54 15.78
CA THR B 271 0.19 12.65 16.07
C THR B 271 0.61 11.84 14.85
N VAL B 272 -0.36 11.24 14.16
CA VAL B 272 -0.06 10.46 12.98
C VAL B 272 0.43 11.35 11.83
N SER B 273 -0.21 12.49 11.66
CA SER B 273 0.18 13.43 10.61
C SER B 273 1.63 13.90 10.83
N ARG B 274 1.96 14.24 12.06
CA ARG B 274 3.31 14.70 12.39
C ARG B 274 4.32 13.57 12.23
N MET B 275 3.94 12.36 12.62
CA MET B 275 4.85 11.23 12.50
C MET B 275 5.20 10.96 11.05
N ARG B 276 4.22 11.14 10.16
CA ARG B 276 4.42 10.87 8.75
C ARG B 276 5.38 11.83 8.05
N THR B 277 5.73 12.93 8.71
CA THR B 277 6.68 13.89 8.14
C THR B 277 8.10 13.45 8.46
N GLN B 278 8.24 12.43 9.31
CA GLN B 278 9.56 11.91 9.70
C GLN B 278 9.76 10.48 9.22
N ARG B 279 8.75 9.63 9.44
CA ARG B 279 8.81 8.25 8.93
C ARG B 279 7.64 8.23 7.95
N ALA B 280 7.95 8.55 6.70
CA ALA B 280 6.94 8.60 5.65
C ALA B 280 6.10 7.33 5.57
N PHE B 281 4.80 7.53 5.32
CA PHE B 281 3.84 6.43 5.18
C PHE B 281 3.44 5.69 6.46
N SER B 282 3.84 6.22 7.62
CA SER B 282 3.50 5.62 8.91
C SER B 282 1.98 5.48 9.00
N ILE B 283 1.53 4.31 9.42
CA ILE B 283 0.11 3.93 9.54
C ILE B 283 -0.32 3.69 8.09
N GLN B 284 -0.35 2.43 7.72
CA GLN B 284 -0.64 2.02 6.35
C GLN B 284 -2.09 1.73 5.98
N THR B 285 -2.97 1.53 6.95
CA THR B 285 -4.37 1.22 6.65
C THR B 285 -5.37 1.91 7.58
N PRO B 286 -6.60 2.12 7.08
CA PRO B 286 -7.65 2.75 7.89
C PRO B 286 -7.90 1.95 9.17
N GLU B 287 -7.76 0.63 9.07
CA GLU B 287 -7.97 -0.25 10.22
C GLU B 287 -6.92 0.02 11.30
N GLN B 288 -5.67 0.23 10.91
CA GLN B 288 -4.63 0.52 11.89
C GLN B 288 -4.89 1.87 12.52
N TYR B 289 -5.38 2.82 11.73
CA TYR B 289 -5.68 4.17 12.21
C TYR B 289 -6.83 4.14 13.21
N TYR B 290 -7.91 3.45 12.86
CA TYR B 290 -9.06 3.36 13.75
C TYR B 290 -8.65 2.60 15.01
N PHE B 291 -7.75 1.63 14.84
CA PHE B 291 -7.28 0.87 15.99
C PHE B 291 -6.60 1.75 17.03
N CYS B 292 -5.91 2.80 16.60
CA CYS B 292 -5.26 3.71 17.54
C CYS B 292 -6.32 4.32 18.45
N TYR B 293 -7.40 4.81 17.84
CA TYR B 293 -8.50 5.38 18.59
C TYR B 293 -9.10 4.33 19.53
N LYS B 294 -9.44 3.17 18.99
CA LYS B 294 -10.04 2.10 19.78
C LYS B 294 -9.17 1.65 20.95
N ALA B 295 -7.87 1.53 20.71
CA ALA B 295 -6.94 1.09 21.74
C ALA B 295 -6.92 2.07 22.92
N ILE B 296 -6.91 3.36 22.62
CA ILE B 296 -6.90 4.37 23.67
C ILE B 296 -8.19 4.32 24.49
N LEU B 297 -9.32 4.16 23.83
CA LEU B 297 -10.60 4.10 24.54
C LEU B 297 -10.73 2.83 25.38
N GLU B 298 -10.24 1.71 24.87
CA GLU B 298 -10.32 0.46 25.62
C GLU B 298 -9.44 0.58 26.87
N PHE B 299 -8.28 1.20 26.70
CA PHE B 299 -7.35 1.41 27.80
C PHE B 299 -8.01 2.32 28.83
N ALA B 300 -8.60 3.41 28.36
CA ALA B 300 -9.28 4.37 29.23
C ALA B 300 -10.37 3.71 30.06
N GLU B 301 -11.16 2.87 29.41
CA GLU B 301 -12.25 2.16 30.09
C GLU B 301 -11.69 1.25 31.18
N LYS B 302 -10.61 0.55 30.84
CA LYS B 302 -9.96 -0.38 31.77
C LYS B 302 -9.41 0.35 32.99
N GLU B 303 -8.84 1.52 32.77
CA GLU B 303 -8.26 2.30 33.85
C GLU B 303 -9.28 3.12 34.63
N GLY B 304 -10.55 2.98 34.26
CA GLY B 304 -11.61 3.71 34.95
C GLY B 304 -11.58 5.21 34.69
N MET B 305 -11.15 5.60 33.50
CA MET B 305 -11.08 7.02 33.15
C MET B 305 -12.39 7.52 32.57
N VAL B 306 -13.28 6.61 32.19
CA VAL B 306 -14.56 6.96 31.58
C VAL B 306 -15.78 6.80 32.50
N SER B 307 -16.96 6.94 31.90
CA SER B 307 -18.24 6.82 32.60
C SER B 307 -19.29 6.28 31.60
N ALA B 308 -18.94 5.17 30.95
CA ALA B 308 -19.77 4.51 29.95
C ALA B 308 -21.25 4.90 29.90
N HIS B 309 -21.71 5.26 28.71
CA HIS B 309 -23.10 5.65 28.49
C HIS B 309 -23.91 4.51 27.89
#